data_8ESS
#
_entry.id   8ESS
#
_cell.length_a   90.701
_cell.length_b   90.701
_cell.length_c   45.451
_cell.angle_alpha   90.000
_cell.angle_beta   90.000
_cell.angle_gamma   120.000
#
_symmetry.space_group_name_H-M   'P 6'
#
loop_
_entity.id
_entity.type
_entity.pdbx_description
1 polymer Myoglobin
2 non-polymer 'SULFATE ION'
3 non-polymer [2,18-bis(2-carboxyethyl)-7,12-diethenyl-3,8,13,17-tetramethyl-21-(2-oxo-3-phenylpropyl)porphyrin-21-iumato(2-)-kappa~3~N~22~,N~23~,N~24~]iron(2+)
4 water water
#
_entity_poly.entity_id   1
_entity_poly.type   'polypeptide(L)'
_entity_poly.pdbx_seq_one_letter_code
;MVLSEGEWQLVLHVWAKVEADVAGHGQDILIRLFKSHPETLEKFDRFKHLKTEAEMKASEDLKKGGVTALTALGAILKKK
GHHEAELKPLAQSHATKHKIPIKYLEFISEAIIHVLHSRHPGNFGADAQGAMNKALELFRKDIAAKYKELGYQG
;
_entity_poly.pdbx_strand_id   A
#
loop_
_chem_comp.id
_chem_comp.type
_chem_comp.name
_chem_comp.formula
SO4 non-polymer 'SULFATE ION' 'O4 S -2'
WRK non-polymer [2,18-bis(2-carboxyethyl)-7,12-diethenyl-3,8,13,17-tetramethyl-21-(2-oxo-3-phenylpropyl)porphyrin-21-iumato(2-)-kappa~3~N~22~,N~23~,N~24~]iron(2+) 'C43 H41 Fe N4 O5 1'
#
# COMPACT_ATOMS: atom_id res chain seq x y z
N MET A 1 -6.72 3.46 17.92
CA MET A 1 -5.77 4.41 17.35
C MET A 1 -6.42 5.29 16.29
N VAL A 2 -7.22 6.24 16.73
CA VAL A 2 -8.02 7.09 15.85
C VAL A 2 -7.19 8.29 15.41
N LEU A 3 -7.17 8.55 14.11
CA LEU A 3 -6.49 9.73 13.61
C LEU A 3 -7.35 10.97 13.84
N SER A 4 -6.67 12.10 14.05
CA SER A 4 -7.38 13.37 14.09
C SER A 4 -7.68 13.83 12.66
N GLU A 5 -8.63 14.78 12.54
CA GLU A 5 -8.90 15.35 11.24
C GLU A 5 -7.66 16.00 10.63
N GLY A 6 -6.84 16.66 11.46
CA GLY A 6 -5.61 17.26 10.97
C GLY A 6 -4.66 16.23 10.41
N GLU A 7 -4.58 15.07 11.05
CA GLU A 7 -3.75 13.99 10.51
C GLU A 7 -4.31 13.47 9.20
N TRP A 8 -5.64 13.26 9.13
CA TRP A 8 -6.24 12.85 7.87
C TRP A 8 -5.94 13.86 6.76
N GLN A 9 -5.98 15.15 7.06
CA GLN A 9 -5.70 16.13 6.02
C GLN A 9 -4.26 16.07 5.52
N LEU A 10 -3.31 15.78 6.41
CA LEU A 10 -1.93 15.56 5.96
C LEU A 10 -1.84 14.34 5.05
N VAL A 11 -2.53 13.26 5.40
CA VAL A 11 -2.58 12.07 4.56
C VAL A 11 -3.17 12.41 3.18
N LEU A 12 -4.31 13.08 3.16
CA LEU A 12 -5.00 13.34 1.90
C LEU A 12 -4.28 14.37 1.05
N HIS A 13 -3.54 15.31 1.67
CA HIS A 13 -2.82 16.30 0.89
C HIS A 13 -1.66 15.68 0.13
N VAL A 14 -0.96 14.71 0.72
CA VAL A 14 0.07 14.02 -0.06
C VAL A 14 -0.56 13.07 -1.07
N TRP A 15 -1.68 12.45 -0.72
CA TRP A 15 -2.32 11.55 -1.67
C TRP A 15 -2.79 12.28 -2.90
N ALA A 16 -3.22 13.54 -2.75
CA ALA A 16 -3.58 14.36 -3.90
C ALA A 16 -2.44 14.47 -4.91
N LYS A 17 -1.20 14.46 -4.42
CA LYS A 17 -0.04 14.51 -5.34
C LYS A 17 0.19 13.16 -5.99
N VAL A 18 0.03 12.04 -5.24
CA VAL A 18 0.05 10.72 -5.86
C VAL A 18 -0.91 10.65 -7.03
N GLU A 19 -2.09 11.25 -6.85
CA GLU A 19 -3.14 11.17 -7.86
C GLU A 19 -2.84 11.97 -9.11
N ALA A 20 -1.79 12.79 -9.13
CA ALA A 20 -1.40 13.37 -10.41
C ALA A 20 -0.89 12.31 -11.38
N ASP A 21 -0.39 11.19 -10.85
CA ASP A 21 0.20 10.15 -11.69
C ASP A 21 0.23 8.86 -10.89
N VAL A 22 -0.94 8.23 -10.68
CA VAL A 22 -0.96 7.06 -9.82
C VAL A 22 -0.13 5.93 -10.42
N ALA A 23 -0.12 5.81 -11.76
CA ALA A 23 0.63 4.73 -12.40
C ALA A 23 2.11 4.84 -12.09
N GLY A 24 2.68 6.05 -12.22
CA GLY A 24 4.10 6.18 -11.98
C GLY A 24 4.46 5.97 -10.51
N HIS A 25 3.60 6.41 -9.60
CA HIS A 25 3.84 6.16 -8.19
C HIS A 25 3.77 4.67 -7.89
N GLY A 26 2.79 3.97 -8.50
CA GLY A 26 2.65 2.53 -8.29
C GLY A 26 3.86 1.74 -8.78
N GLN A 27 4.41 2.13 -9.93
CA GLN A 27 5.65 1.50 -10.41
C GLN A 27 6.76 1.69 -9.39
N ASP A 28 6.95 2.94 -8.92
CA ASP A 28 8.04 3.16 -7.97
C ASP A 28 7.84 2.34 -6.70
N ILE A 29 6.60 2.27 -6.19
CA ILE A 29 6.33 1.60 -4.93
C ILE A 29 6.49 0.10 -5.05
N LEU A 30 5.97 -0.50 -6.10
CA LEU A 30 6.12 -1.98 -6.27
C LEU A 30 7.60 -2.32 -6.53
N ILE A 31 8.29 -1.50 -7.31
CA ILE A 31 9.70 -1.80 -7.55
C ILE A 31 10.50 -1.68 -6.25
N ARG A 32 10.20 -0.66 -5.43
CA ARG A 32 10.88 -0.53 -4.14
C ARG A 32 10.60 -1.75 -3.27
N LEU A 33 9.34 -2.18 -3.24
CA LEU A 33 8.97 -3.36 -2.46
C LEU A 33 9.73 -4.59 -2.93
N PHE A 34 9.72 -4.84 -4.24
CA PHE A 34 10.33 -6.05 -4.78
C PHE A 34 11.86 -6.03 -4.62
N LYS A 35 12.49 -4.86 -4.68
CA LYS A 35 13.93 -4.78 -4.51
C LYS A 35 14.33 -4.91 -3.04
N SER A 36 13.58 -4.26 -2.14
CA SER A 36 13.90 -4.33 -0.73
C SER A 36 13.53 -5.67 -0.11
N HIS A 37 12.50 -6.34 -0.63
CA HIS A 37 12.00 -7.60 -0.06
C HIS A 37 11.69 -8.56 -1.18
N PRO A 38 12.71 -9.14 -1.81
CA PRO A 38 12.49 -9.98 -2.99
C PRO A 38 11.55 -11.17 -2.79
N GLU A 39 11.37 -11.64 -1.55
CA GLU A 39 10.41 -12.72 -1.31
C GLU A 39 8.99 -12.34 -1.72
N THR A 40 8.65 -11.05 -1.66
CA THR A 40 7.30 -10.62 -2.03
C THR A 40 7.07 -10.78 -3.52
N LEU A 41 8.13 -10.76 -4.30
CA LEU A 41 8.00 -10.99 -5.73
C LEU A 41 8.06 -12.47 -6.04
N GLU A 42 9.03 -13.16 -5.46
CA GLU A 42 9.32 -14.52 -5.86
C GLU A 42 8.28 -15.52 -5.37
N LYS A 43 7.35 -15.11 -4.52
CA LYS A 43 6.41 -16.05 -3.90
C LYS A 43 4.99 -15.95 -4.45
N PHE A 44 4.76 -15.21 -5.54
CA PHE A 44 3.40 -14.87 -5.94
C PHE A 44 3.03 -15.12 -7.40
N ASP A 45 3.96 -15.55 -8.24
CA ASP A 45 3.63 -16.06 -9.57
C ASP A 45 3.23 -14.99 -10.60
N ARG A 46 2.51 -13.95 -10.19
CA ARG A 46 2.13 -12.92 -11.16
C ARG A 46 3.36 -12.21 -11.73
N PHE A 47 4.35 -11.94 -10.87
CA PHE A 47 5.53 -11.20 -11.28
C PHE A 47 6.81 -11.99 -11.08
N LYS A 48 6.73 -13.27 -10.68
CA LYS A 48 7.92 -13.99 -10.26
C LYS A 48 8.96 -14.14 -11.36
N HIS A 49 8.57 -13.94 -12.62
CA HIS A 49 9.51 -14.01 -13.74
C HIS A 49 10.35 -12.74 -13.91
N LEU A 50 9.94 -11.61 -13.34
CA LEU A 50 10.67 -10.36 -13.55
C LEU A 50 12.00 -10.41 -12.81
N LYS A 51 13.09 -10.22 -13.56
CA LYS A 51 14.43 -10.46 -13.03
C LYS A 51 15.17 -9.19 -12.63
N THR A 52 14.81 -8.04 -13.20
CA THR A 52 15.57 -6.81 -13.04
C THR A 52 14.59 -5.64 -12.91
N GLU A 53 15.12 -4.49 -12.44
CA GLU A 53 14.31 -3.29 -12.38
C GLU A 53 13.86 -2.82 -13.77
N ALA A 54 14.73 -2.99 -14.78
CA ALA A 54 14.35 -2.66 -16.15
C ALA A 54 13.14 -3.47 -16.60
N GLU A 55 13.13 -4.77 -16.30
CA GLU A 55 11.98 -5.58 -16.66
C GLU A 55 10.73 -5.12 -15.92
N MET A 56 10.89 -4.75 -14.66
CA MET A 56 9.76 -4.29 -13.87
C MET A 56 9.18 -3.00 -14.44
N LYS A 57 10.06 -2.07 -14.83
CA LYS A 57 9.58 -0.80 -15.39
C LYS A 57 8.89 -0.98 -16.72
N ALA A 58 9.27 -2.00 -17.50
CA ALA A 58 8.68 -2.24 -18.80
C ALA A 58 7.40 -3.06 -18.73
N SER A 59 7.03 -3.55 -17.57
CA SER A 59 5.90 -4.48 -17.42
C SER A 59 4.59 -3.71 -17.35
N GLU A 60 3.75 -3.86 -18.37
CA GLU A 60 2.45 -3.23 -18.32
C GLU A 60 1.58 -3.84 -17.23
N ASP A 61 1.73 -5.14 -16.97
CA ASP A 61 0.93 -5.76 -15.92
C ASP A 61 1.32 -5.27 -14.54
N LEU A 62 2.61 -5.01 -14.31
CA LEU A 62 3.02 -4.45 -13.02
C LEU A 62 2.45 -3.06 -12.85
N LYS A 63 2.50 -2.24 -13.90
CA LYS A 63 1.90 -0.91 -13.84
C LYS A 63 0.42 -1.00 -13.51
N LYS A 64 -0.32 -1.91 -14.17
CA LYS A 64 -1.74 -2.06 -13.91
C LYS A 64 -1.98 -2.51 -12.47
N GLY A 65 -1.17 -3.43 -11.99
CA GLY A 65 -1.35 -3.88 -10.61
C GLY A 65 -1.10 -2.78 -9.60
N GLY A 66 -0.11 -1.92 -9.88
CA GLY A 66 0.14 -0.81 -8.99
C GLY A 66 -1.01 0.17 -8.99
N VAL A 67 -1.59 0.45 -10.17
CA VAL A 67 -2.74 1.35 -10.21
C VAL A 67 -3.92 0.76 -9.42
N THR A 68 -4.18 -0.53 -9.61
CA THR A 68 -5.27 -1.16 -8.89
C THR A 68 -5.09 -1.09 -7.37
N ALA A 69 -3.89 -1.43 -6.89
CA ALA A 69 -3.66 -1.45 -5.45
C ALA A 69 -3.68 -0.04 -4.86
N LEU A 70 -3.01 0.91 -5.50
CA LEU A 70 -3.00 2.28 -4.96
C LEU A 70 -4.36 2.95 -5.02
N THR A 71 -5.17 2.66 -6.05
CA THR A 71 -6.51 3.24 -6.09
C THR A 71 -7.38 2.66 -4.97
N ALA A 72 -7.27 1.35 -4.70
CA ALA A 72 -7.99 0.76 -3.56
C ALA A 72 -7.52 1.38 -2.24
N LEU A 73 -6.22 1.55 -2.08
CA LEU A 73 -5.70 2.21 -0.87
C LEU A 73 -6.21 3.64 -0.77
N GLY A 74 -6.21 4.39 -1.88
CA GLY A 74 -6.74 5.76 -1.84
C GLY A 74 -8.19 5.80 -1.42
N ALA A 75 -9.00 4.84 -1.90
CA ALA A 75 -10.41 4.81 -1.48
C ALA A 75 -10.52 4.52 0.02
N ILE A 76 -9.65 3.67 0.55
CA ILE A 76 -9.64 3.41 1.99
C ILE A 76 -9.26 4.67 2.75
N LEU A 77 -8.17 5.34 2.32
CA LEU A 77 -7.72 6.54 3.04
C LEU A 77 -8.80 7.62 3.03
N LYS A 78 -9.52 7.78 1.92
CA LYS A 78 -10.56 8.80 1.82
C LYS A 78 -11.74 8.55 2.77
N LYS A 79 -11.92 7.30 3.23
CA LYS A 79 -12.93 7.02 4.23
C LYS A 79 -12.50 7.48 5.63
N LYS A 80 -11.25 7.88 5.83
CA LYS A 80 -10.79 8.47 7.09
C LYS A 80 -11.15 7.56 8.28
N GLY A 81 -10.86 6.27 8.13
CA GLY A 81 -11.09 5.30 9.16
C GLY A 81 -12.39 4.51 9.02
N HIS A 82 -13.36 5.02 8.27
CA HIS A 82 -14.65 4.34 8.14
C HIS A 82 -14.64 3.42 6.92
N HIS A 83 -13.74 2.43 6.98
CA HIS A 83 -13.39 1.65 5.79
C HIS A 83 -13.80 0.18 5.92
N GLU A 84 -14.73 -0.13 6.82
CA GLU A 84 -15.15 -1.51 6.99
C GLU A 84 -15.61 -2.16 5.69
N ALA A 85 -16.42 -1.46 4.89
CA ALA A 85 -16.93 -2.08 3.67
C ALA A 85 -15.80 -2.34 2.67
N GLU A 86 -14.83 -1.43 2.60
CA GLU A 86 -13.73 -1.59 1.65
C GLU A 86 -12.77 -2.69 2.10
N LEU A 87 -12.59 -2.88 3.41
CA LEU A 87 -11.67 -3.93 3.85
C LEU A 87 -12.24 -5.33 3.70
N LYS A 88 -13.57 -5.51 3.72
CA LYS A 88 -14.12 -6.87 3.66
C LYS A 88 -13.63 -7.65 2.45
N PRO A 89 -13.86 -7.20 1.21
CA PRO A 89 -13.42 -8.03 0.07
C PRO A 89 -11.93 -8.13 -0.05
N LEU A 90 -11.21 -7.08 0.33
CA LEU A 90 -9.76 -7.09 0.26
C LEU A 90 -9.16 -8.07 1.25
N ALA A 91 -9.65 -8.08 2.49
CA ALA A 91 -9.20 -9.07 3.46
C ALA A 91 -9.49 -10.48 2.97
N GLN A 92 -10.69 -10.71 2.43
CA GLN A 92 -11.00 -12.07 2.01
C GLN A 92 -10.11 -12.53 0.89
N SER A 93 -9.88 -11.68 -0.12
CA SER A 93 -9.06 -12.15 -1.23
C SER A 93 -7.61 -12.34 -0.81
N HIS A 94 -7.14 -11.55 0.15
CA HIS A 94 -5.75 -11.63 0.58
C HIS A 94 -5.51 -12.63 1.70
N ALA A 95 -6.55 -13.21 2.27
CA ALA A 95 -6.42 -14.21 3.33
C ALA A 95 -6.81 -15.60 2.88
N THR A 96 -7.28 -15.76 1.66
CA THR A 96 -7.84 -17.06 1.27
C THR A 96 -7.22 -17.51 -0.03
N LYS A 97 -7.35 -16.70 -1.08
CA LYS A 97 -6.85 -17.07 -2.40
C LYS A 97 -5.32 -17.14 -2.41
N HIS A 98 -4.68 -15.98 -2.43
CA HIS A 98 -3.23 -15.90 -2.30
C HIS A 98 -2.95 -15.13 -1.02
N LYS A 99 -2.46 -15.84 0.00
CA LYS A 99 -2.35 -15.30 1.34
C LYS A 99 -1.17 -14.34 1.44
N ILE A 100 -1.48 -13.10 1.79
CA ILE A 100 -0.51 -12.02 1.92
C ILE A 100 -0.35 -11.74 3.41
N PRO A 101 0.75 -12.12 4.03
CA PRO A 101 0.88 -11.95 5.48
C PRO A 101 0.99 -10.48 5.84
N ILE A 102 0.63 -10.17 7.10
CA ILE A 102 0.74 -8.81 7.61
C ILE A 102 2.17 -8.28 7.41
N LYS A 103 3.18 -9.14 7.54
CA LYS A 103 4.56 -8.73 7.31
C LYS A 103 4.72 -8.09 5.94
N TYR A 104 4.05 -8.63 4.92
CA TYR A 104 4.18 -8.05 3.58
C TYR A 104 3.43 -6.73 3.46
N LEU A 105 2.31 -6.58 4.18
CA LEU A 105 1.65 -5.28 4.22
C LEU A 105 2.53 -4.26 4.93
N GLU A 106 3.28 -4.69 5.94
CA GLU A 106 4.26 -3.79 6.54
C GLU A 106 5.32 -3.40 5.52
N PHE A 107 5.83 -4.35 4.74
CA PHE A 107 6.82 -4.03 3.72
C PHE A 107 6.29 -3.04 2.68
N ILE A 108 5.05 -3.20 2.22
CA ILE A 108 4.57 -2.25 1.23
C ILE A 108 4.29 -0.89 1.87
N SER A 109 3.92 -0.88 3.16
CA SER A 109 3.76 0.41 3.85
C SER A 109 5.09 1.15 3.90
N GLU A 110 6.17 0.44 4.22
CA GLU A 110 7.50 1.06 4.17
C GLU A 110 7.84 1.56 2.78
N ALA A 111 7.48 0.81 1.74
CA ALA A 111 7.76 1.25 0.36
C ALA A 111 6.96 2.50 0.01
N ILE A 112 5.69 2.58 0.43
CA ILE A 112 4.88 3.77 0.18
C ILE A 112 5.51 4.97 0.86
N ILE A 113 5.89 4.82 2.12
CA ILE A 113 6.49 5.93 2.86
C ILE A 113 7.80 6.36 2.18
N HIS A 114 8.62 5.38 1.78
CA HIS A 114 9.89 5.68 1.13
C HIS A 114 9.71 6.49 -0.15
N VAL A 115 8.75 6.08 -1.00
CA VAL A 115 8.54 6.77 -2.28
C VAL A 115 7.92 8.15 -2.07
N LEU A 116 6.97 8.27 -1.11
CA LEU A 116 6.39 9.59 -0.84
C LEU A 116 7.44 10.54 -0.29
N HIS A 117 8.33 10.03 0.57
CA HIS A 117 9.40 10.86 1.11
C HIS A 117 10.34 11.35 0.00
N SER A 118 10.63 10.49 -0.98
CA SER A 118 11.53 10.84 -2.07
C SER A 118 10.88 11.82 -3.04
N ARG A 119 9.64 11.51 -3.45
CA ARG A 119 8.99 12.30 -4.49
C ARG A 119 8.37 13.60 -3.99
N HIS A 120 7.94 13.65 -2.71
CA HIS A 120 7.07 14.73 -2.23
C HIS A 120 7.57 15.39 -0.95
N PRO A 121 8.81 15.86 -0.93
CA PRO A 121 9.27 16.58 0.26
C PRO A 121 8.42 17.81 0.61
N GLY A 122 7.70 18.40 -0.36
CA GLY A 122 6.84 19.53 -0.06
C GLY A 122 5.55 19.18 0.67
N ASN A 123 5.13 17.93 0.63
CA ASN A 123 3.93 17.50 1.34
C ASN A 123 4.20 16.28 2.21
N PHE A 124 5.46 15.96 2.45
CA PHE A 124 5.76 14.76 3.23
C PHE A 124 6.91 15.06 4.18
N GLY A 125 6.80 16.16 4.93
CA GLY A 125 7.67 16.40 6.06
C GLY A 125 7.35 15.43 7.20
N ALA A 126 7.99 15.67 8.35
CA ALA A 126 7.90 14.73 9.46
C ALA A 126 6.46 14.56 9.94
N ASP A 127 5.72 15.66 10.12
CA ASP A 127 4.33 15.52 10.59
C ASP A 127 3.49 14.73 9.60
N ALA A 128 3.67 15.00 8.31
CA ALA A 128 2.88 14.28 7.32
C ALA A 128 3.26 12.81 7.26
N GLN A 129 4.55 12.50 7.39
CA GLN A 129 4.96 11.10 7.40
C GLN A 129 4.43 10.37 8.64
N GLY A 130 4.41 11.05 9.80
CA GLY A 130 3.80 10.42 10.97
C GLY A 130 2.32 10.15 10.78
N ALA A 131 1.61 11.08 10.13
CA ALA A 131 0.18 10.87 9.89
C ALA A 131 -0.05 9.71 8.95
N MET A 132 0.76 9.61 7.88
CA MET A 132 0.63 8.50 6.93
C MET A 132 0.97 7.20 7.62
N ASN A 133 2.01 7.18 8.44
CA ASN A 133 2.32 5.97 9.22
C ASN A 133 1.13 5.56 10.08
N LYS A 134 0.49 6.51 10.75
CA LYS A 134 -0.68 6.18 11.56
C LYS A 134 -1.81 5.61 10.71
N ALA A 135 -2.05 6.20 9.53
CA ALA A 135 -3.11 5.72 8.66
C ALA A 135 -2.82 4.31 8.17
N LEU A 136 -1.55 4.04 7.80
CA LEU A 136 -1.21 2.71 7.29
C LEU A 136 -1.23 1.69 8.44
N GLU A 137 -0.81 2.10 9.65
CA GLU A 137 -0.90 1.22 10.81
C GLU A 137 -2.35 0.85 11.11
N LEU A 138 -3.26 1.83 11.02
CA LEU A 138 -4.68 1.56 11.23
C LEU A 138 -5.22 0.57 10.20
N PHE A 139 -4.90 0.81 8.93
CA PHE A 139 -5.24 -0.12 7.85
C PHE A 139 -4.77 -1.52 8.18
N ARG A 140 -3.49 -1.67 8.53
CA ARG A 140 -2.96 -3.01 8.81
C ARG A 140 -3.59 -3.65 10.05
N LYS A 141 -3.84 -2.85 11.10
CA LYS A 141 -4.49 -3.39 12.30
C LYS A 141 -5.88 -3.89 11.97
N ASP A 142 -6.64 -3.11 11.19
CA ASP A 142 -8.00 -3.52 10.89
C ASP A 142 -8.03 -4.70 9.93
N ILE A 143 -7.11 -4.73 8.96
CA ILE A 143 -7.11 -5.89 8.08
C ILE A 143 -6.62 -7.15 8.81
N ALA A 144 -5.68 -7.00 9.76
CA ALA A 144 -5.23 -8.14 10.55
C ALA A 144 -6.39 -8.72 11.36
N ALA A 145 -7.24 -7.85 11.91
CA ALA A 145 -8.40 -8.35 12.65
C ALA A 145 -9.36 -9.07 11.71
N LYS A 146 -9.57 -8.55 10.52
CA LYS A 146 -10.42 -9.26 9.54
C LYS A 146 -9.81 -10.59 9.11
N TYR A 147 -8.50 -10.65 8.89
CA TYR A 147 -7.82 -11.91 8.58
C TYR A 147 -8.18 -12.97 9.62
N LYS A 148 -8.07 -12.61 10.90
CA LYS A 148 -8.34 -13.57 11.97
C LYS A 148 -9.80 -14.02 11.95
N GLU A 149 -10.73 -13.08 11.73
CA GLU A 149 -12.14 -13.46 11.60
C GLU A 149 -12.34 -14.43 10.46
N LEU A 150 -11.54 -14.33 9.41
CA LEU A 150 -11.67 -15.14 8.21
C LEU A 150 -10.92 -16.47 8.31
N GLY A 151 -10.18 -16.71 9.40
CA GLY A 151 -9.46 -17.96 9.58
C GLY A 151 -7.97 -17.91 9.27
N TYR A 152 -7.39 -16.74 9.02
CA TYR A 152 -6.00 -16.60 8.62
C TYR A 152 -5.26 -15.85 9.71
N GLN A 153 -4.14 -16.42 10.18
CA GLN A 153 -3.39 -15.81 11.25
C GLN A 153 -2.63 -14.56 10.79
N GLY A 154 -2.37 -14.46 9.51
CA GLY A 154 -1.66 -13.31 8.96
C GLY A 154 -0.18 -13.39 9.15
S SO4 B . -10.51 16.53 15.52
O1 SO4 B . -11.42 17.06 14.48
O2 SO4 B . -11.29 16.10 16.72
O3 SO4 B . -9.78 15.40 14.99
O4 SO4 B . -9.58 17.58 15.90
S SO4 C . 18.25 1.10 0.57
O1 SO4 C . 18.03 2.28 -0.25
O2 SO4 C . 17.28 1.07 1.66
O3 SO4 C . 18.09 -0.10 -0.26
O4 SO4 C . 19.61 1.13 1.12
S SO4 D . -4.04 17.73 15.17
O1 SO4 D . -3.01 18.49 15.80
O2 SO4 D . -5.27 18.04 15.76
O3 SO4 D . -3.74 16.36 15.31
O4 SO4 D . -4.09 18.03 13.80
S SO4 E . 3.71 -7.16 -20.00
O1 SO4 E . 4.28 -5.93 -20.45
O2 SO4 E . 2.98 -7.03 -18.81
O3 SO4 E . 4.74 -8.11 -19.78
O4 SO4 E . 2.80 -7.62 -20.98
CHA WRK F . -4.79 -8.14 -5.83
CHB WRK F . -5.00 -4.14 -3.18
CHC WRK F . -0.86 -5.24 -1.01
CHD WRK F . -0.56 -9.24 -3.76
C1A WRK F . -5.20 -6.88 -5.39
C2A WRK F . -6.40 -6.19 -5.78
C3A WRK F . -6.46 -5.02 -5.01
C4A WRK F . -5.33 -5.02 -4.16
CMA WRK F . -7.53 -3.96 -5.07
CAA WRK F . -7.41 -6.67 -6.79
CBA WRK F . -8.69 -7.21 -6.14
CGA WRK F . -8.45 -8.31 -5.14
O1A WRK F . -7.93 -9.38 -5.65
O2A WRK F . -8.72 -8.20 -3.94
C1B WRK F . -3.94 -4.06 -2.31
C2B WRK F . -3.68 -2.99 -1.35
C3B WRK F . -2.49 -3.32 -0.78
C4B WRK F . -2.05 -4.56 -1.35
CMB WRK F . -4.59 -1.83 -1.08
CAB WRK F . -1.75 -2.60 0.26
CBB WRK F . -1.63 -1.28 0.35
C1C WRK F . -0.38 -6.39 -1.61
C2C WRK F . 0.91 -6.99 -1.31
C3C WRK F . 0.98 -8.12 -2.12
C4C WRK F . -0.25 -8.20 -2.85
CMC WRK F . 1.92 -6.44 -0.34
CAC WRK F . 2.07 -9.09 -2.27
CBC WRK F . 3.26 -9.12 -1.71
C1D WRK F . -1.65 -9.34 -4.51
C2D WRK F . -2.30 -10.57 -5.02
C3D WRK F . -3.51 -10.23 -5.61
C4D WRK F . -3.66 -8.79 -5.54
CMD WRK F . -1.78 -11.96 -4.81
CAD WRK F . -4.53 -11.18 -6.15
CAD WRK F . -4.52 -11.19 -6.15
CBD WRK F . -5.52 -11.67 -5.10
CBD WRK F . -4.11 -11.79 -7.48
CGD WRK F . -5.08 -12.91 -4.38
CGD WRK F . -3.86 -10.77 -8.55
O1D WRK F . -5.23 -14.03 -4.84
O1D WRK F . -2.91 -10.81 -9.29
O2D WRK F . -4.51 -12.69 -3.24
O2D WRK F . -4.78 -9.84 -8.60
NA WRK F . -4.55 -6.15 -4.42
NB WRK F . -2.94 -5.00 -2.27
NC WRK F . -1.06 -7.15 -2.55
ND WRK F . -2.48 -8.34 -5.00
FE WRK F . -3.04 -6.85 -3.10
O1 WRK F . -1.43 -8.44 -7.55
C40 WRK F . -1.87 -7.16 -5.57
C41 WRK F . -1.25 -7.41 -6.93
C43 WRK F . -0.36 -6.33 -7.49
C44 WRK F . 0.62 -5.90 -6.43
C45 WRK F . 0.43 -4.74 -5.70
C46 WRK F . 1.25 -4.43 -4.64
C47 WRK F . 2.30 -5.24 -4.31
C48 WRK F . 2.52 -6.39 -5.04
C49 WRK F . 1.70 -6.71 -6.10
#